data_5E7L
#
_entry.id   5E7L
#
_cell.length_a   124.390
_cell.length_b   40.674
_cell.length_c   82.599
_cell.angle_alpha   90.000
_cell.angle_beta   90.000
_cell.angle_gamma   90.000
#
_symmetry.space_group_name_H-M   'P 21 21 2'
#
loop_
_entity.id
_entity.type
_entity.pdbx_description
1 polymer Contactin-2
2 water water
#
_entity_poly.entity_id   1
_entity_poly.type   'polypeptide(L)'
_entity_poly.pdbx_seq_one_letter_code
;GSPPGPPGGVVVRDIGDTTVQLSWSRGFDNHSPIAKYTLQARTPPSGKWKQVRTNPVNIEGNAETAQVLGLMPWMDYEFR
VSASNILGTGEPSGPSSRIRTKEAVPSVAPSGLSGGGGAPGELTINWTPMSREYQNGDGFGYLLSFRRQGSSSWQTARVP
GADTQYFVYSNDSIHPYTPFEVKIRSYNRRGDGPESLTAIVYSAEEEPKVAPAKVWAKGSSSSEMNVSWEPVLQDMNGIL
LGYEIRYWKAGDKEAAADRVRTAGLDSSARVTGLYPNTKYHVTVRAYNRAGTGPASPSADAMTMK
;
_entity_poly.pdbx_strand_id   A
#
# COMPACT_ATOMS: atom_id res chain seq x y z
N GLY A 1 -20.01 -19.68 -51.56
CA GLY A 1 -21.04 -18.97 -50.83
C GLY A 1 -20.87 -19.06 -49.32
N SER A 2 -19.62 -19.09 -48.87
CA SER A 2 -19.30 -19.13 -47.44
C SER A 2 -19.07 -17.71 -46.90
N PRO A 3 -19.23 -17.51 -45.58
CA PRO A 3 -18.88 -16.21 -44.99
C PRO A 3 -17.41 -15.86 -45.26
N PRO A 4 -17.07 -14.55 -45.33
CA PRO A 4 -15.73 -14.13 -45.75
C PRO A 4 -14.64 -14.76 -44.90
N GLY A 5 -13.51 -15.08 -45.52
CA GLY A 5 -12.37 -15.57 -44.78
C GLY A 5 -11.79 -14.43 -43.94
N PRO A 6 -11.11 -14.78 -42.85
CA PRO A 6 -10.47 -13.76 -42.01
C PRO A 6 -9.33 -13.05 -42.73
N PRO A 7 -9.17 -11.75 -42.49
CA PRO A 7 -7.93 -11.14 -43.01
C PRO A 7 -6.71 -11.69 -42.27
N GLY A 8 -5.53 -11.30 -42.69
CA GLY A 8 -4.33 -11.82 -42.06
C GLY A 8 -3.29 -10.74 -41.91
N GLY A 9 -2.15 -11.12 -41.34
CA GLY A 9 -1.06 -10.18 -41.14
C GLY A 9 -1.48 -8.98 -40.32
N VAL A 10 -2.22 -9.21 -39.25
CA VAL A 10 -2.59 -8.12 -38.35
C VAL A 10 -1.35 -7.63 -37.62
N VAL A 11 -1.00 -6.38 -37.85
CA VAL A 11 0.18 -5.80 -37.22
C VAL A 11 -0.16 -4.45 -36.59
N VAL A 12 0.66 -4.07 -35.62
CA VAL A 12 0.48 -2.86 -34.82
C VAL A 12 1.61 -1.87 -35.06
N ARG A 13 1.27 -0.61 -35.29
CA ARG A 13 2.24 0.49 -35.30
C ARG A 13 1.69 1.66 -34.49
N ASP A 14 2.45 2.77 -34.44
CA ASP A 14 2.01 4.01 -33.78
C ASP A 14 1.46 3.77 -32.38
N ILE A 15 2.23 3.09 -31.55
CA ILE A 15 1.74 2.73 -30.24
C ILE A 15 1.75 3.93 -29.31
N GLY A 16 0.57 4.29 -28.82
CA GLY A 16 0.44 5.37 -27.85
C GLY A 16 0.25 4.79 -26.47
N ASP A 17 -0.17 5.62 -25.52
CA ASP A 17 -0.50 5.08 -24.21
C ASP A 17 -1.97 4.66 -24.15
N THR A 18 -2.79 5.18 -25.05
CA THR A 18 -4.20 4.78 -25.05
C THR A 18 -4.72 4.38 -26.43
N THR A 19 -3.84 4.38 -27.44
CA THR A 19 -4.26 4.07 -28.81
C THR A 19 -3.16 3.34 -29.57
N VAL A 20 -3.55 2.56 -30.57
CA VAL A 20 -2.59 2.03 -31.54
C VAL A 20 -3.18 2.13 -32.94
N GLN A 21 -2.33 2.04 -33.96
CA GLN A 21 -2.77 1.92 -35.35
C GLN A 21 -2.66 0.46 -35.82
N LEU A 22 -3.80 -0.16 -36.06
CA LEU A 22 -3.81 -1.56 -36.48
C LEU A 22 -3.88 -1.64 -38.00
N SER A 23 -3.16 -2.59 -38.59
CA SER A 23 -3.19 -2.83 -40.03
C SER A 23 -3.37 -4.31 -40.34
N TRP A 24 -3.92 -4.60 -41.51
CA TRP A 24 -4.15 -5.97 -41.94
C TRP A 24 -4.33 -6.00 -43.48
N SER A 25 -4.53 -7.17 -44.04
CA SER A 25 -4.83 -7.29 -45.48
C SER A 25 -5.64 -8.54 -45.77
N ARG A 26 -6.10 -8.69 -47.01
CA ARG A 26 -6.84 -9.89 -47.39
C ARG A 26 -5.95 -10.89 -48.12
N ASN A 30 -9.81 -13.75 -50.77
CA ASN A 30 -9.97 -12.34 -51.10
C ASN A 30 -10.88 -12.13 -52.31
N HIS A 31 -11.85 -13.03 -52.48
CA HIS A 31 -12.78 -12.98 -53.60
C HIS A 31 -14.10 -12.29 -53.23
N SER A 32 -14.73 -12.78 -52.17
CA SER A 32 -16.04 -12.31 -51.72
C SER A 32 -16.02 -10.85 -51.28
N PRO A 33 -17.12 -10.12 -51.53
CA PRO A 33 -17.19 -8.70 -51.13
C PRO A 33 -17.28 -8.56 -49.61
N ILE A 34 -16.47 -7.69 -49.03
CA ILE A 34 -16.54 -7.47 -47.59
C ILE A 34 -17.23 -6.13 -47.31
N ALA A 35 -18.27 -6.17 -46.48
CA ALA A 35 -19.01 -4.96 -46.15
C ALA A 35 -18.39 -4.23 -44.95
N LYS A 36 -17.99 -4.99 -43.92
CA LYS A 36 -17.46 -4.40 -42.69
C LYS A 36 -16.41 -5.28 -42.01
N TYR A 37 -15.43 -4.65 -41.36
CA TYR A 37 -14.50 -5.35 -40.48
C TYR A 37 -14.84 -5.09 -39.01
N THR A 38 -14.69 -6.09 -38.15
CA THR A 38 -14.87 -5.85 -36.72
C THR A 38 -13.59 -6.23 -35.97
N LEU A 39 -13.19 -5.41 -35.00
CA LEU A 39 -11.92 -5.57 -34.30
C LEU A 39 -12.10 -5.97 -32.83
N GLN A 40 -11.24 -6.87 -32.36
CA GLN A 40 -11.24 -7.28 -30.96
C GLN A 40 -9.84 -7.20 -30.32
N ALA A 41 -9.81 -7.06 -28.99
CA ALA A 41 -8.55 -7.08 -28.28
C ALA A 41 -8.64 -7.95 -27.03
N ARG A 42 -7.51 -8.52 -26.63
CA ARG A 42 -7.43 -9.16 -25.32
C ARG A 42 -6.08 -8.86 -24.68
N THR A 43 -6.04 -9.01 -23.37
CA THR A 43 -4.79 -8.85 -22.64
C THR A 43 -4.30 -10.24 -22.24
N PRO A 44 -3.24 -10.72 -22.89
CA PRO A 44 -2.72 -12.07 -22.68
C PRO A 44 -2.16 -12.23 -21.26
N PRO A 45 -2.00 -13.49 -20.80
CA PRO A 45 -2.35 -14.72 -21.52
C PRO A 45 -3.77 -15.21 -21.28
N SER A 46 -4.39 -14.75 -20.19
CA SER A 46 -5.68 -15.28 -19.75
C SER A 46 -6.89 -14.36 -19.95
N GLY A 47 -6.71 -13.30 -20.74
CA GLY A 47 -7.79 -12.35 -20.96
C GLY A 47 -8.76 -12.83 -22.02
N LYS A 48 -10.04 -12.46 -21.86
CA LYS A 48 -11.06 -12.74 -22.84
C LYS A 48 -11.00 -11.70 -23.96
N TRP A 49 -11.43 -12.08 -25.16
CA TRP A 49 -11.50 -11.14 -26.27
C TRP A 49 -12.64 -10.15 -26.07
N LYS A 50 -12.34 -8.88 -26.21
CA LYS A 50 -13.33 -7.82 -26.03
C LYS A 50 -13.34 -6.88 -27.23
N GLN A 51 -14.46 -6.22 -27.47
CA GLN A 51 -14.53 -5.29 -28.59
C GLN A 51 -13.72 -4.04 -28.30
N VAL A 52 -13.25 -3.38 -29.34
CA VAL A 52 -12.55 -2.12 -29.16
C VAL A 52 -13.17 -1.01 -30.00
N ARG A 53 -13.16 0.20 -29.45
CA ARG A 53 -13.56 1.41 -30.17
C ARG A 53 -12.56 1.68 -31.29
N THR A 54 -13.06 2.10 -32.45
CA THR A 54 -12.16 2.39 -33.56
C THR A 54 -12.39 3.78 -34.14
N ASN A 55 -11.36 4.27 -34.83
CA ASN A 55 -11.44 5.45 -35.67
C ASN A 55 -10.91 5.08 -37.06
N PRO A 56 -11.78 5.07 -38.08
CA PRO A 56 -13.19 5.48 -38.03
C PRO A 56 -14.08 4.51 -37.25
N VAL A 57 -15.24 4.98 -36.83
CA VAL A 57 -16.17 4.18 -36.04
C VAL A 57 -16.59 2.91 -36.78
N ASN A 58 -16.83 3.05 -38.08
CA ASN A 58 -17.16 1.90 -38.93
C ASN A 58 -16.04 1.60 -39.93
N ILE A 59 -15.49 0.39 -39.88
CA ILE A 59 -14.40 0.02 -40.78
C ILE A 59 -14.96 -0.60 -42.06
N GLU A 60 -14.87 0.15 -43.16
CA GLU A 60 -15.37 -0.29 -44.45
C GLU A 60 -14.60 -1.48 -45.01
N GLY A 61 -15.26 -2.25 -45.87
CA GLY A 61 -14.65 -3.44 -46.44
C GLY A 61 -13.42 -3.20 -47.31
N ASN A 62 -13.23 -1.97 -47.75
CA ASN A 62 -12.05 -1.65 -48.56
C ASN A 62 -10.87 -1.21 -47.69
N ALA A 63 -11.12 -1.01 -46.40
CA ALA A 63 -10.09 -0.53 -45.48
C ALA A 63 -9.10 -1.62 -45.13
N GLU A 64 -7.87 -1.21 -44.82
CA GLU A 64 -6.84 -2.14 -44.38
C GLU A 64 -6.15 -1.62 -43.13
N THR A 65 -6.72 -0.59 -42.52
CA THR A 65 -6.13 0.04 -41.34
C THR A 65 -7.21 0.69 -40.50
N ALA A 66 -7.01 0.70 -39.19
CA ALA A 66 -7.92 1.36 -38.26
C ALA A 66 -7.16 1.80 -37.01
N GLN A 67 -7.58 2.92 -36.44
CA GLN A 67 -7.03 3.38 -35.17
C GLN A 67 -7.84 2.76 -34.05
N VAL A 68 -7.17 2.14 -33.09
CA VAL A 68 -7.85 1.56 -31.95
C VAL A 68 -7.83 2.55 -30.80
N LEU A 69 -8.99 2.81 -30.20
CA LEU A 69 -9.10 3.80 -29.13
C LEU A 69 -9.43 3.16 -27.80
N GLY A 70 -9.17 3.88 -26.72
CA GLY A 70 -9.66 3.51 -25.41
C GLY A 70 -8.89 2.42 -24.71
N LEU A 71 -7.60 2.32 -25.00
CA LEU A 71 -6.74 1.35 -24.32
C LEU A 71 -6.18 1.95 -23.04
N MET A 72 -5.68 1.09 -22.17
CA MET A 72 -5.06 1.50 -20.91
C MET A 72 -3.55 1.58 -21.06
N PRO A 73 -2.90 2.54 -20.38
CA PRO A 73 -1.44 2.69 -20.44
C PRO A 73 -0.73 1.46 -19.93
N TRP A 74 0.48 1.21 -20.40
CA TRP A 74 1.34 0.19 -19.82
C TRP A 74 0.60 -1.14 -19.67
N MET A 75 -0.05 -1.56 -20.74
CA MET A 75 -0.86 -2.79 -20.72
C MET A 75 -0.50 -3.65 -21.91
N ASP A 76 -0.48 -4.97 -21.75
CA ASP A 76 -0.24 -5.88 -22.85
C ASP A 76 -1.52 -6.15 -23.66
N TYR A 77 -1.43 -6.12 -24.98
CA TYR A 77 -2.58 -6.44 -25.82
C TYR A 77 -2.24 -7.29 -27.04
N GLU A 78 -3.17 -8.19 -27.38
CA GLU A 78 -3.24 -8.82 -28.69
C GLU A 78 -4.53 -8.35 -29.37
N PHE A 79 -4.50 -8.18 -30.70
CA PHE A 79 -5.67 -7.76 -31.46
C PHE A 79 -6.00 -8.77 -32.56
N ARG A 80 -7.27 -8.85 -32.94
CA ARG A 80 -7.65 -9.63 -34.13
C ARG A 80 -8.83 -8.99 -34.86
N VAL A 81 -9.00 -9.40 -36.13
CA VAL A 81 -9.95 -8.79 -37.05
C VAL A 81 -10.86 -9.86 -37.67
N SER A 82 -12.14 -9.55 -37.79
CA SER A 82 -13.10 -10.41 -38.47
C SER A 82 -13.78 -9.66 -39.61
N ALA A 83 -14.14 -10.38 -40.67
CA ALA A 83 -14.81 -9.77 -41.82
C ALA A 83 -16.28 -10.21 -41.92
N SER A 84 -17.16 -9.28 -42.28
CA SER A 84 -18.58 -9.54 -42.42
C SER A 84 -19.13 -9.08 -43.78
N ASN A 85 -20.01 -9.89 -44.38
CA ASN A 85 -20.82 -9.43 -45.51
C ASN A 85 -22.25 -9.97 -45.41
N ILE A 86 -22.93 -10.12 -46.55
CA ILE A 86 -24.33 -10.51 -46.54
C ILE A 86 -24.49 -11.94 -46.01
N LEU A 87 -23.42 -12.72 -46.03
CA LEU A 87 -23.45 -14.09 -45.51
C LEU A 87 -23.01 -14.15 -44.04
N GLY A 88 -22.93 -13.01 -43.38
CA GLY A 88 -22.54 -12.98 -41.98
C GLY A 88 -21.04 -12.82 -41.78
N THR A 89 -20.56 -13.19 -40.59
CA THR A 89 -19.16 -12.99 -40.25
C THR A 89 -18.37 -14.29 -40.37
N GLY A 90 -17.17 -14.22 -40.92
CA GLY A 90 -16.31 -15.39 -40.94
C GLY A 90 -15.56 -15.54 -39.63
N GLU A 91 -14.58 -16.43 -39.60
CA GLU A 91 -13.73 -16.63 -38.43
C GLU A 91 -12.84 -15.40 -38.22
N PRO A 92 -12.41 -15.17 -36.97
CA PRO A 92 -11.45 -14.09 -36.77
C PRO A 92 -10.05 -14.44 -37.26
N SER A 93 -9.26 -13.41 -37.55
CA SER A 93 -7.86 -13.59 -37.86
C SER A 93 -7.11 -14.26 -36.72
N GLY A 94 -5.89 -14.71 -37.01
CA GLY A 94 -4.93 -15.01 -35.94
C GLY A 94 -4.59 -13.69 -35.26
N PRO A 95 -4.22 -13.75 -33.98
CA PRO A 95 -3.96 -12.52 -33.22
C PRO A 95 -2.65 -11.87 -33.63
N SER A 96 -2.58 -10.54 -33.55
CA SER A 96 -1.32 -9.82 -33.73
C SER A 96 -0.34 -10.25 -32.65
N SER A 97 0.95 -10.05 -32.92
CA SER A 97 1.96 -10.29 -31.90
C SER A 97 1.79 -9.29 -30.76
N ARG A 98 1.88 -9.78 -29.53
CA ARG A 98 1.69 -8.97 -28.31
C ARG A 98 2.41 -7.62 -28.36
N ILE A 99 1.71 -6.54 -28.05
CA ILE A 99 2.39 -5.26 -27.82
C ILE A 99 2.12 -4.78 -26.41
N ARG A 100 2.85 -3.74 -25.99
CA ARG A 100 2.57 -3.09 -24.72
C ARG A 100 2.36 -1.61 -24.98
N THR A 101 1.25 -1.06 -24.51
CA THR A 101 1.01 0.36 -24.71
C THR A 101 2.05 1.18 -23.93
N LYS A 102 2.22 2.44 -24.32
CA LYS A 102 3.22 3.28 -23.67
C LYS A 102 2.82 3.59 -22.22
N GLU A 103 3.80 4.04 -21.45
CA GLU A 103 3.60 4.40 -20.06
C GLU A 103 2.92 5.74 -19.90
N ALA A 104 2.26 5.93 -18.76
CA ALA A 104 1.71 7.23 -18.40
C ALA A 104 2.06 7.51 -16.94
N VAL A 105 1.98 8.75 -16.50
CA VAL A 105 2.22 9.06 -15.09
C VAL A 105 1.17 8.30 -14.27
N PRO A 106 1.49 7.98 -13.01
CA PRO A 106 0.50 7.27 -12.21
C PRO A 106 -0.75 8.13 -12.05
N SER A 107 -1.91 7.50 -11.83
CA SER A 107 -3.16 8.26 -11.92
C SER A 107 -3.83 8.51 -10.57
N VAL A 108 -3.32 7.90 -9.51
CA VAL A 108 -3.85 8.17 -8.17
C VAL A 108 -2.70 8.52 -7.23
N ALA A 109 -3.01 9.22 -6.14
CA ALA A 109 -2.03 9.50 -5.09
C ALA A 109 -1.98 8.32 -4.14
N PRO A 110 -0.82 8.09 -3.52
CA PRO A 110 -0.75 7.04 -2.50
C PRO A 110 -1.72 7.35 -1.34
N SER A 111 -2.25 6.32 -0.72
CA SER A 111 -3.14 6.53 0.41
C SER A 111 -2.47 6.10 1.71
N GLY A 112 -3.10 6.43 2.83
CA GLY A 112 -2.66 5.95 4.12
C GLY A 112 -1.48 6.68 4.72
N LEU A 113 -1.20 7.88 4.23
CA LEU A 113 -0.03 8.63 4.68
C LEU A 113 -0.15 8.97 6.16
N SER A 114 0.88 8.63 6.92
CA SER A 114 0.92 8.95 8.33
C SER A 114 2.37 8.82 8.78
N GLY A 115 2.57 8.62 10.07
CA GLY A 115 3.90 8.45 10.59
C GLY A 115 3.97 8.73 12.07
N GLY A 116 5.19 8.86 12.60
CA GLY A 116 5.40 9.17 14.00
C GLY A 116 6.35 8.14 14.58
N GLY A 117 7.00 8.46 15.70
CA GLY A 117 7.90 7.50 16.33
C GLY A 117 9.28 7.49 15.73
N GLY A 118 10.10 6.53 16.14
CA GLY A 118 11.47 6.42 15.73
C GLY A 118 12.43 6.75 16.86
N ALA A 119 13.71 6.85 16.53
CA ALA A 119 14.79 7.19 17.47
C ALA A 119 14.98 8.71 17.55
N PRO A 120 15.74 9.19 18.56
CA PRO A 120 16.01 10.62 18.66
C PRO A 120 16.51 11.24 17.34
N GLY A 121 15.96 12.39 16.97
CA GLY A 121 16.33 13.06 15.75
C GLY A 121 15.71 12.50 14.49
N GLU A 122 14.81 11.52 14.60
CA GLU A 122 14.15 10.95 13.40
C GLU A 122 12.71 11.43 13.14
N LEU A 123 12.39 11.52 11.85
CA LEU A 123 11.01 11.71 11.39
C LEU A 123 10.64 10.48 10.60
N THR A 124 9.65 9.74 11.08
CA THR A 124 9.22 8.52 10.44
C THR A 124 7.93 8.72 9.67
N ILE A 125 7.89 8.27 8.43
CA ILE A 125 6.72 8.48 7.60
C ILE A 125 6.31 7.16 6.99
N ASN A 126 5.00 6.89 6.96
CA ASN A 126 4.45 5.62 6.49
C ASN A 126 3.34 5.85 5.48
N TRP A 127 3.13 4.89 4.59
CA TRP A 127 2.02 4.97 3.66
C TRP A 127 1.66 3.59 3.09
N THR A 128 0.55 3.51 2.39
CA THR A 128 0.14 2.26 1.76
C THR A 128 0.70 2.16 0.33
N PRO A 129 1.44 1.08 0.04
CA PRO A 129 2.07 0.91 -1.27
C PRO A 129 1.02 0.81 -2.35
N MET A 130 1.29 1.32 -3.54
CA MET A 130 0.31 1.25 -4.63
C MET A 130 0.45 -0.03 -5.45
N SER A 131 -0.66 -0.72 -5.66
CA SER A 131 -0.64 -1.98 -6.41
C SER A 131 -0.42 -1.72 -7.90
N ARG A 132 -0.02 -2.77 -8.60
CA ARG A 132 0.45 -2.65 -9.98
C ARG A 132 -0.56 -1.99 -10.89
N GLU A 133 -1.85 -2.13 -10.57
CA GLU A 133 -2.92 -1.62 -11.42
C GLU A 133 -2.90 -0.10 -11.57
N TYR A 134 -2.24 0.59 -10.65
CA TYR A 134 -2.21 2.06 -10.72
C TYR A 134 -0.82 2.64 -11.04
N GLN A 135 0.18 1.76 -11.13
CA GLN A 135 1.56 2.19 -11.34
C GLN A 135 1.80 2.80 -12.74
N ASN A 136 1.16 2.24 -13.77
CA ASN A 136 1.15 2.84 -15.12
C ASN A 136 2.51 2.93 -15.84
N GLY A 137 3.52 2.23 -15.33
CA GLY A 137 4.81 2.23 -16.00
C GLY A 137 5.87 1.67 -15.09
N ASP A 138 7.04 1.39 -15.65
CA ASP A 138 8.20 0.92 -14.88
C ASP A 138 8.92 2.09 -14.20
N GLY A 139 9.93 1.78 -13.39
CA GLY A 139 10.69 2.82 -12.68
C GLY A 139 9.81 3.59 -11.72
N PHE A 140 8.92 2.85 -11.07
CA PHE A 140 7.95 3.43 -10.14
C PHE A 140 8.60 3.73 -8.78
N GLY A 141 8.15 4.81 -8.14
CA GLY A 141 8.59 5.11 -6.78
C GLY A 141 7.74 6.20 -6.17
N TYR A 142 8.18 6.73 -5.04
CA TYR A 142 7.41 7.74 -4.33
C TYR A 142 8.26 8.97 -4.09
N LEU A 143 7.60 10.12 -4.06
CA LEU A 143 8.26 11.38 -3.77
C LEU A 143 7.64 12.02 -2.56
N LEU A 144 8.39 12.10 -1.48
CA LEU A 144 7.89 12.65 -0.23
C LEU A 144 8.34 14.08 -0.09
N SER A 145 7.44 14.97 0.36
CA SER A 145 7.86 16.32 0.67
C SER A 145 7.52 16.61 2.11
N PHE A 146 8.42 17.23 2.83
CA PHE A 146 8.14 17.51 4.25
C PHE A 146 8.78 18.83 4.66
N ARG A 147 8.12 19.53 5.57
CA ARG A 147 8.73 20.70 6.18
C ARG A 147 8.18 20.88 7.58
N ARG A 148 8.96 21.53 8.45
CA ARG A 148 8.47 21.87 9.78
C ARG A 148 7.19 22.65 9.65
N GLN A 149 6.17 22.23 10.40
CA GLN A 149 4.91 22.94 10.36
C GLN A 149 5.16 24.40 10.71
N GLY A 150 4.73 25.30 9.83
CA GLY A 150 4.98 26.72 10.00
C GLY A 150 5.90 27.28 8.94
N SER A 151 6.95 26.52 8.58
CA SER A 151 7.90 26.99 7.57
C SER A 151 7.28 26.91 6.18
N SER A 152 8.03 27.35 5.17
CA SER A 152 7.49 27.41 3.81
C SER A 152 8.27 26.51 2.85
N SER A 153 9.59 26.44 3.05
CA SER A 153 10.46 25.68 2.18
C SER A 153 10.32 24.16 2.40
N TRP A 154 10.12 23.41 1.32
CA TRP A 154 9.99 21.95 1.38
C TRP A 154 11.33 21.23 1.26
N GLN A 155 11.47 20.11 1.97
CA GLN A 155 12.55 19.18 1.70
C GLN A 155 11.92 18.04 0.96
N THR A 156 12.62 17.37 0.04
CA THR A 156 11.99 16.21 -0.58
C THR A 156 12.90 14.99 -0.61
N ALA A 157 12.27 13.85 -0.77
CA ALA A 157 12.96 12.57 -0.77
C ALA A 157 12.31 11.70 -1.81
N ARG A 158 13.10 11.26 -2.78
CA ARG A 158 12.63 10.39 -3.83
C ARG A 158 13.13 8.97 -3.56
N VAL A 159 12.19 8.05 -3.39
CA VAL A 159 12.51 6.66 -3.07
C VAL A 159 11.85 5.70 -4.07
N PRO A 160 12.68 4.97 -4.82
CA PRO A 160 12.17 4.07 -5.86
C PRO A 160 11.73 2.71 -5.31
N GLY A 161 10.84 2.04 -6.03
CA GLY A 161 10.35 0.72 -5.65
C GLY A 161 8.91 0.79 -5.18
N ALA A 162 8.00 0.14 -5.89
CA ALA A 162 6.58 0.20 -5.54
C ALA A 162 6.28 -0.33 -4.14
N ASP A 163 7.11 -1.25 -3.65
CA ASP A 163 6.87 -1.87 -2.33
C ASP A 163 7.35 -1.00 -1.17
N THR A 164 8.02 0.11 -1.48
CA THR A 164 8.45 1.05 -0.44
C THR A 164 7.23 1.52 0.34
N GLN A 165 7.23 1.33 1.66
CA GLN A 165 6.06 1.64 2.45
C GLN A 165 6.39 2.54 3.64
N TYR A 166 7.66 2.87 3.82
CA TYR A 166 8.00 3.88 4.80
C TYR A 166 9.29 4.59 4.43
N PHE A 167 9.57 5.67 5.13
CA PHE A 167 10.80 6.42 4.99
C PHE A 167 11.17 7.03 6.34
N VAL A 168 12.44 6.97 6.71
CA VAL A 168 12.86 7.63 7.95
C VAL A 168 13.97 8.60 7.61
N TYR A 169 13.80 9.85 8.02
CA TYR A 169 14.82 10.86 7.86
C TYR A 169 15.39 11.27 9.21
N SER A 170 16.68 11.50 9.30
CA SER A 170 17.23 11.96 10.56
C SER A 170 18.19 13.11 10.41
N ASN A 171 18.12 14.02 11.37
CA ASN A 171 18.90 15.24 11.37
C ASN A 171 19.06 15.65 12.84
N ASP A 172 20.27 16.01 13.25
CA ASP A 172 20.53 16.37 14.64
C ASP A 172 19.80 17.64 15.06
N SER A 173 19.34 18.41 14.09
CA SER A 173 18.63 19.64 14.39
C SER A 173 17.14 19.39 14.68
N ILE A 174 16.69 18.15 14.55
CA ILE A 174 15.29 17.82 14.80
C ILE A 174 15.03 17.49 16.27
N HIS A 175 14.27 18.34 16.96
CA HIS A 175 13.96 18.15 18.37
C HIS A 175 12.81 17.17 18.55
N PRO A 176 12.71 16.55 19.75
CA PRO A 176 11.65 15.52 19.88
C PRO A 176 10.22 16.05 19.71
N TYR A 177 9.38 15.23 19.08
CA TYR A 177 7.98 15.54 18.84
C TYR A 177 7.77 16.89 18.10
N THR A 178 8.60 17.13 17.08
CA THR A 178 8.44 18.30 16.19
C THR A 178 7.37 18.01 15.12
N PRO A 179 6.37 18.90 14.99
CA PRO A 179 5.34 18.66 13.96
C PRO A 179 5.85 19.04 12.55
N PHE A 180 5.62 18.14 11.59
CA PHE A 180 6.01 18.35 10.20
C PHE A 180 4.77 18.27 9.32
N GLU A 181 4.70 19.10 8.27
CA GLU A 181 3.71 18.91 7.20
C GLU A 181 4.30 17.95 6.20
N VAL A 182 3.52 16.94 5.79
CA VAL A 182 4.07 15.92 4.90
C VAL A 182 3.09 15.61 3.77
N LYS A 183 3.61 15.37 2.56
CA LYS A 183 2.73 14.97 1.47
C LYS A 183 3.52 14.04 0.58
N ILE A 184 2.81 13.19 -0.17
CA ILE A 184 3.45 12.16 -0.97
C ILE A 184 2.80 12.07 -2.35
N ARG A 185 3.62 11.84 -3.38
CA ARG A 185 3.11 11.53 -4.70
C ARG A 185 3.90 10.36 -5.23
N SER A 186 3.31 9.61 -6.14
CA SER A 186 4.04 8.55 -6.78
C SER A 186 4.59 9.07 -8.09
N TYR A 187 5.48 8.31 -8.71
CA TYR A 187 6.02 8.70 -10.01
C TYR A 187 6.44 7.44 -10.73
N ASN A 188 6.66 7.55 -12.05
CA ASN A 188 7.34 6.49 -12.75
C ASN A 188 8.27 7.11 -13.79
N ARG A 189 8.86 6.24 -14.61
CA ARG A 189 9.75 6.65 -15.69
C ARG A 189 9.19 7.80 -16.53
N ARG A 190 7.87 7.88 -16.62
CA ARG A 190 7.19 8.89 -17.44
C ARG A 190 6.99 10.25 -16.73
N GLY A 191 7.03 10.28 -15.39
CA GLY A 191 6.80 11.51 -14.65
C GLY A 191 6.05 11.36 -13.34
N ASP A 192 5.77 12.49 -12.68
CA ASP A 192 5.15 12.51 -11.35
C ASP A 192 3.63 12.38 -11.40
N GLY A 193 3.06 11.59 -10.49
CA GLY A 193 1.62 11.48 -10.35
C GLY A 193 1.05 12.59 -9.48
N PRO A 194 -0.25 12.52 -9.17
CA PRO A 194 -0.89 13.54 -8.33
C PRO A 194 -0.50 13.42 -6.85
N GLU A 195 -0.51 14.55 -6.15
CA GLU A 195 -0.11 14.58 -4.75
C GLU A 195 -1.27 14.29 -3.80
N SER A 196 -0.91 13.63 -2.70
CA SER A 196 -1.81 13.35 -1.60
C SER A 196 -2.21 14.62 -0.89
N LEU A 197 -3.31 14.56 -0.14
CA LEU A 197 -3.56 15.54 0.91
C LEU A 197 -2.36 15.62 1.83
N THR A 198 -2.15 16.79 2.43
CA THR A 198 -1.07 16.99 3.40
C THR A 198 -1.46 16.36 4.74
N ALA A 199 -0.50 15.72 5.42
CA ALA A 199 -0.73 15.17 6.75
C ALA A 199 0.22 15.83 7.73
N ILE A 200 -0.17 15.93 9.00
CA ILE A 200 0.73 16.41 10.04
C ILE A 200 1.35 15.17 10.69
N VAL A 201 2.67 15.10 10.73
CA VAL A 201 3.37 13.94 11.27
C VAL A 201 4.37 14.45 12.29
N TYR A 202 4.33 13.93 13.51
CA TYR A 202 5.30 14.36 14.51
C TYR A 202 6.59 13.57 14.43
N SER A 203 7.72 14.25 14.57
CA SER A 203 9.00 13.56 14.67
C SER A 203 9.01 12.70 15.97
N ALA A 204 10.00 11.82 16.09
CA ALA A 204 10.03 10.89 17.22
C ALA A 204 10.02 11.62 18.57
N GLU A 205 9.12 11.21 19.47
CA GLU A 205 9.18 11.66 20.87
C GLU A 205 10.30 10.95 21.63
N GLU A 206 10.69 11.46 22.79
CA GLU A 206 11.59 10.68 23.66
C GLU A 206 10.85 9.49 24.25
N GLU A 207 11.50 8.32 24.22
CA GLU A 207 10.98 7.13 24.86
C GLU A 207 10.73 7.39 26.36
N PRO A 208 9.85 6.60 27.00
CA PRO A 208 9.63 6.75 28.44
C PRO A 208 10.90 6.40 29.22
N LYS A 209 11.20 7.12 30.31
CA LYS A 209 12.43 6.88 31.04
C LYS A 209 12.14 6.41 32.49
N VAL A 210 10.87 6.30 32.85
CA VAL A 210 10.43 6.06 34.22
C VAL A 210 9.55 4.83 34.30
N ALA A 211 9.70 4.03 35.36
CA ALA A 211 8.83 2.88 35.56
C ALA A 211 7.66 3.19 36.49
N PRO A 212 6.53 2.50 36.30
CA PRO A 212 5.46 2.50 37.30
C PRO A 212 6.06 2.09 38.65
N ALA A 213 5.77 2.80 39.72
CA ALA A 213 6.45 2.57 41.01
C ALA A 213 5.95 1.32 41.76
N LYS A 214 4.73 0.91 41.46
CA LYS A 214 4.09 -0.20 42.17
C LYS A 214 3.05 -0.89 41.29
N VAL A 215 3.04 -2.22 41.34
CA VAL A 215 2.07 -3.04 40.64
C VAL A 215 1.37 -3.98 41.62
N TRP A 216 0.05 -4.11 41.52
CA TRP A 216 -0.73 -5.09 42.29
C TRP A 216 -1.32 -6.11 41.34
N ALA A 217 -1.09 -7.40 41.58
CA ALA A 217 -1.73 -8.40 40.73
C ALA A 217 -2.53 -9.39 41.58
N LYS A 218 -3.73 -9.77 41.11
CA LYS A 218 -4.52 -10.76 41.86
C LYS A 218 -5.27 -11.71 40.93
N GLY A 219 -5.10 -13.01 41.14
CA GLY A 219 -5.91 -13.97 40.42
C GLY A 219 -7.37 -13.79 40.79
N SER A 220 -8.24 -13.68 39.78
CA SER A 220 -9.66 -13.43 40.01
C SER A 220 -10.47 -14.67 39.69
N SER A 221 -9.80 -15.67 39.14
CA SER A 221 -10.41 -16.93 38.78
C SER A 221 -9.30 -17.92 38.51
N SER A 222 -9.60 -19.01 37.83
CA SER A 222 -8.62 -20.05 37.55
C SER A 222 -7.82 -19.72 36.31
N SER A 223 -8.25 -18.72 35.55
CA SER A 223 -7.60 -18.42 34.29
C SER A 223 -7.48 -16.92 34.06
N GLU A 224 -7.74 -16.13 35.09
CA GLU A 224 -7.76 -14.69 34.89
C GLU A 224 -7.13 -13.94 36.04
N MET A 225 -6.53 -12.81 35.72
CA MET A 225 -5.78 -12.01 36.67
C MET A 225 -6.13 -10.53 36.46
N ASN A 226 -6.45 -9.81 37.53
CA ASN A 226 -6.57 -8.36 37.44
C ASN A 226 -5.26 -7.71 37.83
N VAL A 227 -4.84 -6.73 37.06
CA VAL A 227 -3.56 -6.07 37.32
C VAL A 227 -3.74 -4.58 37.46
N SER A 228 -3.19 -3.99 38.51
CA SER A 228 -3.31 -2.53 38.68
C SER A 228 -1.95 -1.96 38.97
N TRP A 229 -1.76 -0.67 38.72
CA TRP A 229 -0.45 -0.09 38.96
C TRP A 229 -0.56 1.40 39.18
N GLU A 230 0.50 1.99 39.70
CA GLU A 230 0.53 3.43 39.85
C GLU A 230 0.98 4.04 38.53
N PRO A 231 0.20 4.99 38.01
CA PRO A 231 0.57 5.58 36.71
C PRO A 231 1.92 6.29 36.78
N VAL A 232 2.57 6.41 35.63
CA VAL A 232 3.79 7.21 35.55
C VAL A 232 3.36 8.67 35.38
N LEU A 233 3.86 9.54 36.26
CA LEU A 233 3.51 10.96 36.19
C LEU A 233 4.14 11.61 34.97
N GLN A 234 3.30 12.10 34.07
CA GLN A 234 3.80 12.81 32.90
C GLN A 234 4.27 14.20 33.29
N ASP A 235 5.53 14.50 32.99
CA ASP A 235 6.00 15.88 33.06
C ASP A 235 5.72 16.49 31.69
N MET A 236 5.67 17.82 31.62
CA MET A 236 5.47 18.51 30.35
C MET A 236 6.55 18.04 29.37
N ASN A 237 6.18 18.02 28.09
CA ASN A 237 6.97 17.45 26.99
C ASN A 237 6.87 15.92 26.92
N GLY A 238 6.62 15.26 28.05
CA GLY A 238 6.57 13.80 28.09
C GLY A 238 5.37 13.22 27.34
N ILE A 239 5.61 12.24 26.50
CA ILE A 239 4.51 11.58 25.79
C ILE A 239 4.34 10.18 26.34
N LEU A 240 3.10 9.82 26.67
CA LEU A 240 2.80 8.48 27.16
C LEU A 240 1.54 7.95 26.49
N LEU A 241 1.66 6.84 25.77
CA LEU A 241 0.54 6.29 25.01
C LEU A 241 -0.25 5.25 25.82
N GLY A 242 0.44 4.58 26.73
CA GLY A 242 -0.18 3.58 27.57
C GLY A 242 0.89 2.72 28.23
N TYR A 243 0.53 1.49 28.57
CA TYR A 243 1.41 0.62 29.32
C TYR A 243 1.44 -0.75 28.71
N GLU A 244 2.58 -1.41 28.90
CA GLU A 244 2.77 -2.74 28.40
C GLU A 244 2.92 -3.62 29.61
N ILE A 245 2.04 -4.60 29.71
CA ILE A 245 2.04 -5.57 30.80
C ILE A 245 2.70 -6.84 30.30
N ARG A 246 3.64 -7.37 31.08
CA ARG A 246 4.27 -8.64 30.75
C ARG A 246 4.07 -9.59 31.89
N TYR A 247 3.72 -10.84 31.58
CA TYR A 247 3.47 -11.80 32.63
C TYR A 247 4.01 -13.15 32.23
N TRP A 248 4.50 -13.91 33.20
CA TRP A 248 5.07 -15.22 32.93
C TRP A 248 4.93 -16.11 34.15
N LYS A 249 4.90 -17.42 33.93
CA LYS A 249 4.85 -18.38 35.03
C LYS A 249 6.12 -18.37 35.85
N ALA A 250 5.98 -18.47 37.17
CA ALA A 250 7.14 -18.73 38.03
C ALA A 250 7.84 -20.00 37.57
N GLY A 251 9.15 -19.92 37.34
CA GLY A 251 9.89 -21.07 36.86
C GLY A 251 10.24 -20.95 35.39
N ASP A 252 9.55 -20.05 34.68
CA ASP A 252 9.89 -19.75 33.31
C ASP A 252 10.82 -18.55 33.24
N LYS A 253 11.42 -18.34 32.07
CA LYS A 253 12.30 -17.22 31.84
C LYS A 253 11.50 -15.95 31.60
N GLU A 254 11.85 -14.89 32.33
CA GLU A 254 11.18 -13.60 32.16
C GLU A 254 11.15 -13.16 30.70
N ALA A 255 12.21 -13.46 29.96
CA ALA A 255 12.33 -13.00 28.58
C ALA A 255 11.26 -13.60 27.69
N ALA A 256 10.73 -14.74 28.10
CA ALA A 256 9.68 -15.41 27.34
C ALA A 256 8.26 -14.95 27.73
N ALA A 257 8.15 -13.91 28.55
CA ALA A 257 6.85 -13.42 29.02
C ALA A 257 5.91 -13.01 27.89
N ASP A 258 4.63 -13.32 28.05
CA ASP A 258 3.62 -12.75 27.16
C ASP A 258 3.52 -11.25 27.41
N ARG A 259 2.99 -10.53 26.43
CA ARG A 259 2.92 -9.07 26.47
C ARG A 259 1.55 -8.58 26.04
N VAL A 260 0.97 -7.67 26.81
CA VAL A 260 -0.29 -7.02 26.42
C VAL A 260 -0.12 -5.53 26.62
N ARG A 261 -0.71 -4.72 25.74
CA ARG A 261 -0.70 -3.27 25.90
C ARG A 261 -2.08 -2.68 26.14
N THR A 262 -2.12 -1.63 26.97
CA THR A 262 -3.28 -0.79 27.08
C THR A 262 -3.05 0.43 26.21
N ALA A 263 -4.08 1.24 26.00
CA ALA A 263 -3.91 2.50 25.31
C ALA A 263 -4.85 3.53 25.92
N GLY A 264 -4.27 4.50 26.62
CA GLY A 264 -5.05 5.51 27.30
C GLY A 264 -4.47 5.77 28.68
N LEU A 265 -5.30 6.29 29.59
CA LEU A 265 -4.83 6.59 30.94
C LEU A 265 -5.27 5.52 31.95
N ASP A 266 -5.75 4.38 31.47
CA ASP A 266 -6.13 3.31 32.38
C ASP A 266 -4.91 2.87 33.19
N SER A 267 -5.10 2.59 34.47
CA SER A 267 -4.02 2.10 35.31
C SER A 267 -4.38 0.72 35.85
N SER A 268 -5.15 -0.03 35.07
CA SER A 268 -5.42 -1.40 35.40
C SER A 268 -5.81 -2.13 34.14
N ALA A 269 -5.72 -3.45 34.18
CA ALA A 269 -6.03 -4.28 33.03
C ALA A 269 -6.40 -5.67 33.50
N ARG A 270 -7.15 -6.39 32.67
CA ARG A 270 -7.49 -7.76 32.96
C ARG A 270 -6.76 -8.66 31.99
N VAL A 271 -6.16 -9.71 32.54
CA VAL A 271 -5.37 -10.66 31.76
C VAL A 271 -6.09 -12.00 31.77
N THR A 272 -6.38 -12.57 30.61
CA THR A 272 -7.08 -13.85 30.57
C THR A 272 -6.24 -14.93 29.90
N GLY A 273 -6.78 -16.15 29.84
CA GLY A 273 -6.09 -17.26 29.21
C GLY A 273 -4.95 -17.87 30.02
N LEU A 274 -5.00 -17.73 31.34
CA LEU A 274 -3.94 -18.26 32.19
C LEU A 274 -4.21 -19.71 32.56
N TYR A 275 -3.25 -20.34 33.23
CA TYR A 275 -3.40 -21.72 33.70
C TYR A 275 -3.88 -21.75 35.14
N PRO A 276 -4.77 -22.69 35.47
CA PRO A 276 -5.28 -22.82 36.84
C PRO A 276 -4.18 -23.14 37.84
N ASN A 277 -4.39 -22.72 39.09
CA ASN A 277 -3.51 -23.02 40.21
C ASN A 277 -2.03 -22.77 39.93
N THR A 278 -1.73 -21.59 39.37
CA THR A 278 -0.39 -21.29 38.86
C THR A 278 0.07 -19.91 39.33
N LYS A 279 1.32 -19.81 39.78
CA LYS A 279 1.87 -18.54 40.21
C LYS A 279 2.48 -17.78 39.03
N TYR A 280 2.16 -16.50 38.92
CA TYR A 280 2.66 -15.65 37.84
C TYR A 280 3.44 -14.46 38.36
N HIS A 281 4.42 -14.02 37.59
CA HIS A 281 5.08 -12.74 37.82
C HIS A 281 4.56 -11.76 36.78
N VAL A 282 4.43 -10.50 37.19
CA VAL A 282 3.91 -9.47 36.32
C VAL A 282 4.77 -8.23 36.44
N THR A 283 5.16 -7.65 35.31
CA THR A 283 5.71 -6.31 35.30
C THR A 283 4.88 -5.39 34.42
N VAL A 284 5.02 -4.10 34.67
CA VAL A 284 4.37 -3.09 33.84
C VAL A 284 5.41 -2.06 33.44
N ARG A 285 5.34 -1.58 32.19
CA ARG A 285 6.18 -0.50 31.76
C ARG A 285 5.39 0.47 30.86
N ALA A 286 5.83 1.72 30.83
CA ALA A 286 5.19 2.74 29.99
C ALA A 286 5.64 2.55 28.54
N TYR A 287 4.83 2.99 27.58
CA TYR A 287 5.33 3.04 26.19
C TYR A 287 4.81 4.26 25.46
N ASN A 288 5.54 4.66 24.41
CA ASN A 288 5.01 5.55 23.40
C ASN A 288 5.52 5.08 22.03
N ARG A 289 5.44 5.93 21.02
CA ARG A 289 5.84 5.50 19.67
C ARG A 289 7.34 5.35 19.53
N ALA A 290 8.09 5.84 20.52
CA ALA A 290 9.55 5.66 20.50
C ALA A 290 10.02 4.40 21.24
N GLY A 291 9.11 3.66 21.88
CA GLY A 291 9.50 2.43 22.55
C GLY A 291 9.01 2.31 24.00
N THR A 292 9.59 1.39 24.77
CA THR A 292 9.15 1.21 26.15
C THR A 292 10.14 1.79 27.17
N GLY A 293 9.64 2.11 28.36
CA GLY A 293 10.49 2.54 29.44
C GLY A 293 10.97 1.32 30.25
N PRO A 294 11.67 1.58 31.37
CA PRO A 294 12.13 0.47 32.22
C PRO A 294 10.96 -0.20 32.95
N ALA A 295 11.14 -1.45 33.34
CA ALA A 295 10.10 -2.22 34.02
C ALA A 295 9.88 -1.80 35.48
N SER A 296 8.64 -1.88 35.94
CA SER A 296 8.30 -1.77 37.36
C SER A 296 8.97 -2.90 38.17
N PRO A 297 9.00 -2.77 39.51
CA PRO A 297 9.29 -3.99 40.29
C PRO A 297 8.22 -5.04 39.98
N SER A 298 8.59 -6.31 39.96
CA SER A 298 7.63 -7.33 39.60
C SER A 298 6.64 -7.52 40.74
N ALA A 299 5.44 -7.97 40.37
CA ALA A 299 4.45 -8.34 41.34
C ALA A 299 4.10 -9.80 41.09
N ASP A 300 3.52 -10.47 42.06
CA ASP A 300 3.11 -11.84 41.83
C ASP A 300 1.64 -12.07 42.18
N ALA A 301 1.10 -13.12 41.59
CA ALA A 301 -0.29 -13.46 41.73
C ALA A 301 -0.41 -14.96 41.53
N MET A 302 -1.49 -15.56 42.01
CA MET A 302 -1.76 -16.95 41.71
C MET A 302 -3.19 -17.07 41.23
N THR A 303 -3.37 -17.86 40.17
CA THR A 303 -4.70 -18.20 39.69
C THR A 303 -5.34 -19.14 40.70
N MET A 304 -6.66 -19.19 40.74
CA MET A 304 -7.35 -20.10 41.65
C MET A 304 -7.24 -21.56 41.21
N LYS A 305 -7.58 -22.47 42.12
CA LYS A 305 -7.72 -23.88 41.77
C LYS A 305 -9.05 -24.11 41.06
#